data_5W4G
#
_entry.id   5W4G
#
_cell.length_a   78.195
_cell.length_b   89.747
_cell.length_c   98.510
_cell.angle_alpha   90.00
_cell.angle_beta   90.00
_cell.angle_gamma   90.00
#
_symmetry.space_group_name_H-M   'P 21 21 21'
#
loop_
_entity.id
_entity.type
_entity.pdbx_description
1 polymer 'Importin subunit alpha-1'
2 polymer 'DNA polymerase lambda'
3 non-polymer 'SULFATE ION'
4 non-polymer GLYCEROL
5 water water
#
loop_
_entity_poly.entity_id
_entity_poly.type
_entity_poly.pdbx_seq_one_letter_code
_entity_poly.pdbx_strand_id
1 'polypeptide(L)'
;MHHHHHHSSGLVPRGSGMKETAAAKFERQHMDSPDLGTDDDDKAMADIGSNQGTVNWSVEDIVKGINSNNLESQLQATQA
ARKLLSREKQPPIDNIIRAGLIPKFVSFLGKTDCSPIQFESAWALTNIASGTSEQTKAVVDGGAIPAFISLLASPHAHIS
EQAVWALGNIAGDGSAFRDLVIKHGAIDPLLALLAVPDLSTLACGYLRNLTWTLSNLCRNKNPAPPLDAVEQILPTLVRL
LHHNDPEVLADSCWAISYLTDGPNERIEMVVKKGVVPQLVKLLGATELPIVTPALRAIGNIVTGTDEQTQKVIDAGALAV
FPSLLTNPKTNIQKEATWTMSNITAGRQDQIQQVVNHGLVPFLVGVLSKADFKTQKEAAWAITNYTSGGTVEQIVYLVHC
GIIEPLMNLLSAKDTKIIQVILDAISNIFQAAEKLGETEKLSIMIEECGGLDKIEALQRHENESVYKASLNLIEKYFSVE
EEEDQNVVPETTSEGFAFQVQDGAPGTFNF
;
B
2 'polypeptide(L)' RGILKAFPKRQKIHADASSKVLAKIPRRE A
#
# COMPACT_ATOMS: atom_id res chain seq x y z
N GLY A 53 -0.32 41.86 -6.41
CA GLY A 53 1.03 42.38 -6.55
C GLY A 53 1.96 41.38 -7.21
N THR A 54 1.97 40.15 -6.70
CA THR A 54 2.64 39.03 -7.35
C THR A 54 1.63 38.05 -7.96
N VAL A 55 0.40 38.50 -8.19
CA VAL A 55 -0.68 37.64 -8.64
C VAL A 55 -0.82 37.75 -10.15
N ASN A 56 -0.91 36.60 -10.82
CA ASN A 56 -1.20 36.52 -12.26
C ASN A 56 -0.13 37.19 -13.11
N TRP A 57 1.15 37.00 -12.76
CA TRP A 57 2.19 37.43 -13.66
C TRP A 57 2.26 36.50 -14.87
N SER A 58 2.72 37.04 -15.98
CA SER A 58 3.12 36.23 -17.11
C SER A 58 4.48 35.60 -16.83
N VAL A 59 4.76 34.49 -17.50
CA VAL A 59 6.07 33.87 -17.32
C VAL A 59 7.16 34.82 -17.75
N GLU A 60 6.91 35.64 -18.77
CA GLU A 60 7.97 36.54 -19.24
C GLU A 60 8.22 37.66 -18.24
N ASP A 61 7.18 38.14 -17.56
CA ASP A 61 7.39 39.04 -16.43
C ASP A 61 8.26 38.38 -15.37
N ILE A 62 7.93 37.13 -15.02
CA ILE A 62 8.74 36.39 -14.05
C ILE A 62 10.17 36.29 -14.51
N VAL A 63 10.38 35.88 -15.76
CA VAL A 63 11.74 35.79 -16.29
C VAL A 63 12.43 37.14 -16.21
N LYS A 64 11.73 38.21 -16.60
CA LYS A 64 12.31 39.54 -16.53
C LYS A 64 12.74 39.89 -15.12
N GLY A 65 11.90 39.58 -14.13
CA GLY A 65 12.26 39.86 -12.76
C GLY A 65 13.40 39.00 -12.25
N ILE A 66 13.39 37.71 -12.61
CA ILE A 66 14.43 36.81 -12.10
C ILE A 66 15.77 37.10 -12.77
N ASN A 67 15.75 37.62 -13.99
CA ASN A 67 16.98 38.00 -14.67
C ASN A 67 17.48 39.40 -14.29
N SER A 68 16.69 40.20 -13.60
CA SER A 68 17.20 41.46 -13.12
C SER A 68 18.37 41.18 -12.18
N ASN A 69 19.23 42.20 -12.01
CA ASN A 69 20.31 42.09 -11.03
C ASN A 69 19.88 42.52 -9.65
N ASN A 70 18.59 42.35 -9.34
CA ASN A 70 17.97 42.95 -8.16
C ASN A 70 17.32 41.83 -7.35
N LEU A 71 17.92 41.53 -6.20
CA LEU A 71 17.45 40.39 -5.39
C LEU A 71 15.98 40.54 -5.02
N GLU A 72 15.56 41.77 -4.75
CA GLU A 72 14.17 42.01 -4.39
C GLU A 72 13.24 41.81 -5.58
N SER A 73 13.65 42.29 -6.76
CA SER A 73 12.91 41.97 -7.98
C SER A 73 12.88 40.48 -8.24
N GLN A 74 14.01 39.80 -7.99
CA GLN A 74 14.03 38.34 -8.13
C GLN A 74 13.08 37.67 -7.15
N LEU A 75 13.08 38.13 -5.91
CA LEU A 75 12.18 37.55 -4.90
C LEU A 75 10.73 37.76 -5.30
N GLN A 76 10.40 38.97 -5.76
CA GLN A 76 9.05 39.28 -6.18
C GLN A 76 8.64 38.40 -7.36
N ALA A 77 9.56 38.17 -8.30
CA ALA A 77 9.25 37.34 -9.45
C ALA A 77 9.19 35.88 -9.08
N THR A 78 10.01 35.45 -8.11
CA THR A 78 9.95 34.05 -7.67
C THR A 78 8.65 33.78 -6.94
N GLN A 79 8.21 34.71 -6.09
CA GLN A 79 6.92 34.55 -5.44
C GLN A 79 5.78 34.53 -6.46
N ALA A 80 5.87 35.38 -7.49
CA ALA A 80 4.88 35.33 -8.56
C ALA A 80 4.90 33.98 -9.26
N ALA A 81 6.09 33.42 -9.48
CA ALA A 81 6.19 32.06 -10.00
C ALA A 81 5.54 31.07 -9.04
N ARG A 82 5.83 31.20 -7.75
CA ARG A 82 5.24 30.31 -6.77
C ARG A 82 3.71 30.36 -6.82
N LYS A 83 3.15 31.56 -6.93
CA LYS A 83 1.70 31.69 -6.97
C LYS A 83 1.13 31.12 -8.26
N LEU A 84 1.83 31.36 -9.37
CA LEU A 84 1.47 30.69 -10.62
C LEU A 84 1.45 29.19 -10.44
N LEU A 85 2.49 28.64 -9.81
CA LEU A 85 2.63 27.21 -9.67
C LEU A 85 1.75 26.63 -8.57
N SER A 86 1.10 27.49 -7.79
CA SER A 86 0.26 27.03 -6.69
C SER A 86 -1.21 26.92 -7.06
N ARG A 87 -1.61 27.36 -8.25
CA ARG A 87 -3.00 27.25 -8.65
C ARG A 87 -3.28 25.84 -9.13
N GLU A 88 -4.41 25.28 -8.69
CA GLU A 88 -4.70 23.88 -8.96
C GLU A 88 -4.94 23.63 -10.45
N LYS A 89 -5.43 24.62 -11.17
CA LYS A 89 -5.84 24.45 -12.56
C LYS A 89 -4.67 24.75 -13.48
N GLN A 90 -4.08 23.71 -14.05
CA GLN A 90 -3.13 23.82 -15.14
C GLN A 90 -1.97 24.79 -14.82
N PRO A 91 -1.26 24.58 -13.72
CA PRO A 91 -0.08 25.39 -13.44
C PRO A 91 0.91 25.28 -14.59
N PRO A 92 1.48 26.42 -15.07
CA PRO A 92 2.32 26.40 -16.28
C PRO A 92 3.74 25.92 -16.01
N ILE A 93 3.85 24.67 -15.55
CA ILE A 93 5.15 24.11 -15.16
C ILE A 93 6.10 24.10 -16.35
N ASP A 94 5.63 23.62 -17.50
CA ASP A 94 6.51 23.48 -18.65
C ASP A 94 7.01 24.84 -19.13
N ASN A 95 6.14 25.85 -19.14
CA ASN A 95 6.58 27.19 -19.51
C ASN A 95 7.67 27.67 -18.58
N ILE A 96 7.49 27.43 -17.28
CA ILE A 96 8.49 27.81 -16.29
C ILE A 96 9.81 27.09 -16.57
N ILE A 97 9.75 25.79 -16.84
CA ILE A 97 10.95 25.03 -17.16
C ILE A 97 11.58 25.56 -18.43
N ARG A 98 10.76 25.72 -19.47
CA ARG A 98 11.25 26.15 -20.77
C ARG A 98 11.90 27.53 -20.70
N ALA A 99 11.41 28.40 -19.82
CA ALA A 99 12.04 29.70 -19.60
C ALA A 99 13.38 29.59 -18.90
N GLY A 100 13.83 28.38 -18.55
CA GLY A 100 15.12 28.21 -17.91
C GLY A 100 15.15 28.60 -16.45
N LEU A 101 14.01 28.59 -15.77
CA LEU A 101 13.95 29.13 -14.41
C LEU A 101 14.43 28.14 -13.35
N ILE A 102 14.44 26.84 -13.61
CA ILE A 102 14.82 25.88 -12.57
C ILE A 102 16.22 26.16 -12.02
N PRO A 103 17.26 26.31 -12.84
CA PRO A 103 18.58 26.62 -12.27
C PRO A 103 18.60 27.87 -11.43
N LYS A 104 17.80 28.88 -11.79
CA LYS A 104 17.74 30.08 -10.98
C LYS A 104 17.06 29.80 -9.64
N PHE A 105 15.93 29.10 -9.67
CA PHE A 105 15.29 28.67 -8.42
C PHE A 105 16.25 27.87 -7.56
N VAL A 106 16.97 26.94 -8.16
CA VAL A 106 17.88 26.10 -7.39
C VAL A 106 18.99 26.95 -6.79
N SER A 107 19.52 27.90 -7.55
CA SER A 107 20.53 28.80 -7.00
C SER A 107 19.95 29.63 -5.86
N PHE A 108 18.66 29.98 -5.95
CA PHE A 108 18.03 30.72 -4.86
C PHE A 108 17.88 29.89 -3.60
N LEU A 109 17.80 28.56 -3.73
CA LEU A 109 17.74 27.71 -2.55
C LEU A 109 18.97 27.90 -1.68
N GLY A 110 20.10 28.24 -2.28
CA GLY A 110 21.33 28.46 -1.54
C GLY A 110 21.50 29.83 -0.95
N LYS A 111 20.54 30.74 -1.14
CA LYS A 111 20.68 32.11 -0.64
C LYS A 111 20.22 32.15 0.82
N THR A 112 21.10 31.65 1.68
CA THR A 112 20.81 31.65 3.11
C THR A 112 20.48 33.06 3.59
N ASP A 113 21.11 34.06 2.97
CA ASP A 113 20.92 35.46 3.32
C ASP A 113 19.52 35.98 3.00
N CYS A 114 18.78 35.32 2.11
CA CYS A 114 17.42 35.76 1.74
C CYS A 114 16.48 34.57 1.89
N SER A 115 16.09 34.30 3.14
CA SER A 115 15.24 33.14 3.38
C SER A 115 13.89 33.22 2.66
N PRO A 116 13.28 34.39 2.43
CA PRO A 116 12.04 34.39 1.63
C PRO A 116 12.23 33.83 0.24
N ILE A 117 13.35 34.09 -0.41
CA ILE A 117 13.53 33.59 -1.78
C ILE A 117 13.86 32.10 -1.74
N GLN A 118 14.51 31.63 -0.66
CA GLN A 118 14.66 30.19 -0.46
C GLN A 118 13.30 29.52 -0.37
N PHE A 119 12.42 30.10 0.44
CA PHE A 119 11.09 29.53 0.63
C PHE A 119 10.30 29.55 -0.67
N GLU A 120 10.26 30.72 -1.32
CA GLU A 120 9.48 30.85 -2.55
C GLU A 120 10.00 29.93 -3.63
N SER A 121 11.33 29.83 -3.76
CA SER A 121 11.90 28.94 -4.77
C SER A 121 11.72 27.49 -4.36
N ALA A 122 11.86 27.19 -3.06
CA ALA A 122 11.59 25.84 -2.58
C ALA A 122 10.16 25.43 -2.88
N TRP A 123 9.22 26.35 -2.69
CA TRP A 123 7.81 26.07 -2.98
C TRP A 123 7.58 25.95 -4.48
N ALA A 124 8.14 26.89 -5.26
CA ALA A 124 8.05 26.77 -6.71
C ALA A 124 8.61 25.43 -7.18
N LEU A 125 9.79 25.06 -6.69
CA LEU A 125 10.41 23.82 -7.10
C LEU A 125 9.65 22.61 -6.59
N THR A 126 9.06 22.72 -5.40
CA THR A 126 8.23 21.63 -4.90
C THR A 126 7.12 21.32 -5.89
N ASN A 127 6.49 22.35 -6.44
CA ASN A 127 5.35 22.16 -7.32
C ASN A 127 5.77 21.79 -8.74
N ILE A 128 6.95 22.20 -9.18
CA ILE A 128 7.50 21.62 -10.40
C ILE A 128 7.80 20.15 -10.19
N ALA A 129 8.40 19.81 -9.05
CA ALA A 129 8.74 18.42 -8.76
C ALA A 129 7.51 17.56 -8.52
N SER A 130 6.38 18.17 -8.16
CA SER A 130 5.14 17.42 -7.99
C SER A 130 4.51 17.01 -9.31
N GLY A 131 5.07 17.46 -10.43
CA GLY A 131 4.48 17.19 -11.72
C GLY A 131 4.85 15.83 -12.28
N THR A 132 5.10 15.80 -13.59
CA THR A 132 5.49 14.58 -14.26
C THR A 132 6.93 14.21 -13.92
N SER A 133 7.31 12.97 -14.24
CA SER A 133 8.68 12.53 -14.06
C SER A 133 9.66 13.44 -14.79
N GLU A 134 9.30 13.89 -16.00
CA GLU A 134 10.17 14.79 -16.73
C GLU A 134 10.33 16.11 -15.98
N GLN A 135 9.25 16.60 -15.37
CA GLN A 135 9.31 17.82 -14.60
C GLN A 135 10.11 17.62 -13.31
N THR A 136 9.90 16.51 -12.62
CA THR A 136 10.73 16.19 -11.47
C THR A 136 12.19 16.06 -11.89
N LYS A 137 12.44 15.40 -13.02
CA LYS A 137 13.80 15.26 -13.53
C LYS A 137 14.44 16.61 -13.76
N ALA A 138 13.67 17.56 -14.33
CA ALA A 138 14.21 18.89 -14.55
C ALA A 138 14.66 19.51 -13.23
N VAL A 139 13.89 19.31 -12.17
CA VAL A 139 14.29 19.79 -10.85
C VAL A 139 15.56 19.10 -10.40
N VAL A 140 15.58 17.77 -10.49
CA VAL A 140 16.79 17.02 -10.11
C VAL A 140 17.97 17.44 -10.97
N ASP A 141 17.76 17.56 -12.28
CA ASP A 141 18.86 17.92 -13.17
C ASP A 141 19.37 19.32 -12.87
N GLY A 142 18.56 20.18 -12.26
CA GLY A 142 19.03 21.47 -11.81
C GLY A 142 19.89 21.45 -10.57
N GLY A 143 20.16 20.26 -10.02
CA GLY A 143 20.90 20.15 -8.78
C GLY A 143 20.09 20.35 -7.51
N ALA A 144 18.76 20.23 -7.59
CA ALA A 144 17.93 20.56 -6.45
C ALA A 144 18.14 19.62 -5.27
N ILE A 145 18.52 18.36 -5.50
CA ILE A 145 18.51 17.39 -4.40
C ILE A 145 19.48 17.84 -3.31
N PRO A 146 20.77 18.02 -3.59
CA PRO A 146 21.67 18.46 -2.51
C PRO A 146 21.27 19.81 -1.94
N ALA A 147 20.72 20.69 -2.77
CA ALA A 147 20.29 22.00 -2.29
C ALA A 147 19.12 21.86 -1.32
N PHE A 148 18.17 20.97 -1.61
CA PHE A 148 17.07 20.72 -0.67
C PHE A 148 17.55 20.02 0.59
N ILE A 149 18.48 19.07 0.45
CA ILE A 149 18.98 18.38 1.63
C ILE A 149 19.66 19.37 2.56
N SER A 150 20.35 20.35 2.00
CA SER A 150 20.96 21.40 2.81
C SER A 150 19.91 22.26 3.51
N LEU A 151 18.75 22.42 2.89
CA LEU A 151 17.68 23.21 3.51
C LEU A 151 16.94 22.48 4.61
N LEU A 152 17.12 21.16 4.73
CA LEU A 152 16.55 20.45 5.86
C LEU A 152 17.11 20.98 7.17
N ALA A 153 18.34 21.50 7.14
CA ALA A 153 18.97 22.11 8.31
C ALA A 153 18.54 23.54 8.54
N SER A 154 17.69 24.09 7.68
CA SER A 154 17.31 25.49 7.80
C SER A 154 16.76 25.78 9.20
N PRO A 155 17.16 26.89 9.82
CA PRO A 155 16.50 27.30 11.06
C PRO A 155 15.04 27.71 10.87
N HIS A 156 14.62 27.99 9.63
CA HIS A 156 13.24 28.37 9.37
C HIS A 156 12.42 27.12 9.13
N ALA A 157 11.50 26.84 10.05
CA ALA A 157 10.73 25.60 9.98
C ALA A 157 9.94 25.51 8.69
N HIS A 158 9.43 26.64 8.18
CA HIS A 158 8.61 26.57 6.97
C HIS A 158 9.46 26.32 5.74
N ILE A 159 10.75 26.64 5.80
CA ILE A 159 11.68 26.32 4.71
C ILE A 159 12.14 24.89 4.82
N SER A 160 12.52 24.45 6.02
CA SER A 160 12.86 23.05 6.23
C SER A 160 11.71 22.16 5.77
N GLU A 161 10.48 22.52 6.17
CA GLU A 161 9.32 21.73 5.79
C GLU A 161 9.15 21.70 4.28
N GLN A 162 9.41 22.84 3.62
CA GLN A 162 9.26 22.88 2.18
C GLN A 162 10.28 21.99 1.50
N ALA A 163 11.51 21.97 2.04
CA ALA A 163 12.53 21.07 1.51
C ALA A 163 12.15 19.61 1.76
N VAL A 164 11.57 19.31 2.93
CA VAL A 164 11.03 17.97 3.16
C VAL A 164 10.02 17.63 2.08
N TRP A 165 9.07 18.55 1.86
CA TRP A 165 8.04 18.35 0.85
C TRP A 165 8.66 18.12 -0.52
N ALA A 166 9.56 19.01 -0.93
CA ALA A 166 10.20 18.87 -2.24
C ALA A 166 10.90 17.52 -2.36
N LEU A 167 11.63 17.10 -1.32
CA LEU A 167 12.33 15.83 -1.39
C LEU A 167 11.35 14.67 -1.44
N GLY A 168 10.21 14.79 -0.74
CA GLY A 168 9.17 13.79 -0.87
C GLY A 168 8.69 13.64 -2.29
N ASN A 169 8.50 14.77 -2.99
CA ASN A 169 8.06 14.73 -4.38
C ASN A 169 9.13 14.11 -5.28
N ILE A 170 10.39 14.45 -5.04
CA ILE A 170 11.48 13.88 -5.85
C ILE A 170 11.58 12.38 -5.58
N ALA A 171 11.63 12.00 -4.30
CA ALA A 171 11.68 10.58 -3.95
C ALA A 171 10.44 9.86 -4.43
N GLY A 172 9.28 10.51 -4.34
CA GLY A 172 8.04 9.91 -4.78
C GLY A 172 7.97 9.63 -6.26
N ASP A 173 8.94 10.12 -7.04
CA ASP A 173 8.91 9.91 -8.47
C ASP A 173 9.21 8.46 -8.83
N GLY A 174 9.98 7.76 -8.03
CA GLY A 174 10.36 6.40 -8.36
C GLY A 174 11.63 6.00 -7.66
N SER A 175 11.98 4.72 -7.87
CA SER A 175 13.09 4.11 -7.15
C SER A 175 14.41 4.85 -7.39
N ALA A 176 14.65 5.29 -8.63
CA ALA A 176 15.94 5.88 -8.96
C ALA A 176 16.16 7.19 -8.20
N PHE A 177 15.17 8.10 -8.29
CA PHE A 177 15.30 9.35 -7.56
C PHE A 177 15.18 9.15 -6.06
N ARG A 178 14.34 8.20 -5.63
CA ARG A 178 14.32 7.82 -4.23
C ARG A 178 15.73 7.45 -3.77
N ASP A 179 16.39 6.57 -4.52
CA ASP A 179 17.73 6.13 -4.13
C ASP A 179 18.75 7.25 -4.30
N LEU A 180 18.55 8.12 -5.29
CA LEU A 180 19.46 9.24 -5.43
C LEU A 180 19.31 10.22 -4.27
N VAL A 181 18.07 10.46 -3.83
CA VAL A 181 17.85 11.25 -2.63
C VAL A 181 18.57 10.61 -1.45
N ILE A 182 18.43 9.29 -1.29
CA ILE A 182 19.13 8.59 -0.21
C ILE A 182 20.64 8.72 -0.37
N LYS A 183 21.15 8.48 -1.57
CA LYS A 183 22.60 8.57 -1.78
C LYS A 183 23.12 9.97 -1.47
N HIS A 184 22.32 11.01 -1.76
CA HIS A 184 22.71 12.37 -1.42
C HIS A 184 22.63 12.63 0.09
N GLY A 185 22.21 11.65 0.89
CA GLY A 185 22.24 11.79 2.33
C GLY A 185 21.01 12.37 2.98
N ALA A 186 19.82 12.17 2.40
CA ALA A 186 18.63 12.82 2.94
C ALA A 186 18.18 12.19 4.26
N ILE A 187 18.46 10.91 4.48
CA ILE A 187 17.80 10.20 5.57
C ILE A 187 18.24 10.75 6.92
N ASP A 188 19.54 10.91 7.13
CA ASP A 188 20.01 11.39 8.42
C ASP A 188 19.30 12.71 8.78
N PRO A 189 19.36 13.74 7.94
CA PRO A 189 18.69 15.00 8.31
C PRO A 189 17.18 14.89 8.43
N LEU A 190 16.52 14.04 7.63
CA LEU A 190 15.09 13.86 7.78
C LEU A 190 14.76 13.27 9.15
N LEU A 191 15.45 12.18 9.51
CA LEU A 191 15.18 11.56 10.80
C LEU A 191 15.54 12.48 11.94
N ALA A 192 16.56 13.32 11.77
CA ALA A 192 16.94 14.23 12.83
C ALA A 192 15.82 15.23 13.14
N LEU A 193 15.02 15.59 12.14
CA LEU A 193 13.88 16.47 12.37
C LEU A 193 12.83 15.80 13.25
N LEU A 194 12.81 14.48 13.30
CA LEU A 194 11.86 13.74 14.13
C LEU A 194 12.48 13.29 15.44
N ALA A 195 13.73 13.68 15.71
CA ALA A 195 14.43 13.22 16.92
C ALA A 195 14.06 14.14 18.08
N VAL A 196 12.79 14.06 18.45
CA VAL A 196 12.27 14.84 19.58
C VAL A 196 11.69 13.87 20.59
N PRO A 197 11.64 14.23 21.87
CA PRO A 197 11.08 13.30 22.87
C PRO A 197 9.62 12.95 22.62
N ASP A 198 8.82 13.92 22.20
CA ASP A 198 7.38 13.72 22.00
C ASP A 198 6.99 14.34 20.66
N LEU A 199 6.63 13.48 19.71
CA LEU A 199 6.23 13.94 18.39
C LEU A 199 5.13 14.99 18.46
N SER A 200 4.34 15.01 19.53
CA SER A 200 3.20 15.90 19.60
C SER A 200 3.60 17.36 19.71
N THR A 201 4.87 17.65 20.04
CA THR A 201 5.34 19.02 20.07
C THR A 201 5.62 19.58 18.68
N LEU A 202 5.71 18.72 17.66
CA LEU A 202 5.93 19.18 16.31
C LEU A 202 4.65 19.73 15.72
N ALA A 203 4.79 20.75 14.88
CA ALA A 203 3.63 21.25 14.15
C ALA A 203 2.99 20.11 13.38
N CYS A 204 1.66 20.08 13.39
CA CYS A 204 0.93 18.96 12.81
C CYS A 204 1.26 18.79 11.33
N GLY A 205 1.17 19.88 10.56
CA GLY A 205 1.46 19.79 9.14
C GLY A 205 2.90 19.40 8.88
N TYR A 206 3.82 19.91 9.69
N TYR A 206 3.81 19.92 9.71
CA TYR A 206 5.22 19.54 9.53
CA TYR A 206 5.24 19.60 9.62
C TYR A 206 5.42 18.05 9.72
C TYR A 206 5.48 18.10 9.79
N LEU A 207 4.92 17.52 10.85
CA LEU A 207 5.07 16.10 11.11
C LEU A 207 4.45 15.27 9.99
N ARG A 208 3.28 15.69 9.50
CA ARG A 208 2.63 14.97 8.41
C ARG A 208 3.49 14.98 7.16
N ASN A 209 4.12 16.11 6.86
CA ASN A 209 4.97 16.18 5.67
C ASN A 209 6.19 15.29 5.83
N LEU A 210 6.81 15.29 7.01
CA LEU A 210 7.93 14.40 7.28
C LEU A 210 7.52 12.95 7.13
N THR A 211 6.41 12.56 7.77
CA THR A 211 5.97 11.17 7.68
C THR A 211 5.71 10.78 6.24
N TRP A 212 5.11 11.70 5.48
CA TRP A 212 4.81 11.42 4.08
C TRP A 212 6.09 11.24 3.27
N THR A 213 7.07 12.13 3.47
CA THR A 213 8.31 12.04 2.71
C THR A 213 9.08 10.77 3.10
N LEU A 214 9.11 10.44 4.38
CA LEU A 214 9.69 9.16 4.79
C LEU A 214 8.99 8.00 4.11
N SER A 215 7.66 8.04 4.02
CA SER A 215 6.96 6.94 3.38
C SER A 215 7.36 6.81 1.91
N ASN A 216 7.72 7.93 1.27
CA ASN A 216 8.18 7.84 -0.12
C ASN A 216 9.59 7.28 -0.22
N LEU A 217 10.41 7.45 0.82
CA LEU A 217 11.71 6.79 0.83
C LEU A 217 11.59 5.29 1.07
N CYS A 218 10.46 4.86 1.61
CA CYS A 218 10.15 3.45 1.77
C CYS A 218 9.44 2.88 0.57
N ARG A 219 8.96 3.73 -0.32
CA ARG A 219 8.06 3.34 -1.38
C ARG A 219 8.82 2.84 -2.59
N ASN A 220 8.13 2.00 -3.37
CA ASN A 220 8.56 1.54 -4.69
C ASN A 220 9.54 0.37 -4.59
N LYS A 221 9.57 -0.41 -5.67
CA LYS A 221 10.33 -1.65 -5.75
C LYS A 221 11.11 -1.65 -7.06
N ASN A 222 11.86 -2.71 -7.29
CA ASN A 222 12.65 -2.82 -8.52
C ASN A 222 13.59 -1.64 -8.73
N PRO A 223 14.48 -1.39 -7.76
CA PRO A 223 14.63 -2.13 -6.51
C PRO A 223 13.86 -1.54 -5.35
N ALA A 224 13.62 -2.36 -4.33
CA ALA A 224 13.18 -1.84 -3.06
C ALA A 224 14.27 -0.94 -2.48
N PRO A 225 13.94 -0.12 -1.48
CA PRO A 225 14.94 0.77 -0.92
C PRO A 225 16.11 -0.01 -0.38
N PRO A 226 17.29 0.60 -0.31
CA PRO A 226 18.46 -0.12 0.24
C PRO A 226 18.16 -0.63 1.63
N LEU A 227 18.59 -1.86 1.90
CA LEU A 227 18.39 -2.46 3.21
C LEU A 227 18.86 -1.55 4.32
N ASP A 228 20.03 -0.94 4.14
CA ASP A 228 20.57 -0.07 5.19
C ASP A 228 19.67 1.13 5.41
N ALA A 229 19.10 1.67 4.33
CA ALA A 229 18.18 2.79 4.46
C ALA A 229 16.92 2.38 5.22
N VAL A 230 16.39 1.20 4.92
CA VAL A 230 15.22 0.70 5.63
C VAL A 230 15.53 0.54 7.11
N GLU A 231 16.65 -0.11 7.42
CA GLU A 231 17.01 -0.30 8.82
C GLU A 231 17.18 1.02 9.52
N GLN A 232 17.64 2.04 8.79
CA GLN A 232 17.82 3.35 9.38
C GLN A 232 16.48 4.04 9.64
N ILE A 233 15.51 3.86 8.73
CA ILE A 233 14.24 4.56 8.86
C ILE A 233 13.30 3.84 9.81
N LEU A 234 13.38 2.52 9.91
CA LEU A 234 12.35 1.75 10.61
C LEU A 234 12.11 2.21 12.04
N PRO A 235 13.11 2.41 12.89
CA PRO A 235 12.82 2.85 14.26
C PRO A 235 11.95 4.09 14.31
N THR A 236 12.14 5.04 13.39
CA THR A 236 11.31 6.24 13.36
C THR A 236 9.89 5.91 12.90
N LEU A 237 9.76 5.05 11.89
CA LEU A 237 8.44 4.61 11.47
C LEU A 237 7.67 3.96 12.62
N VAL A 238 8.32 3.04 13.34
CA VAL A 238 7.67 2.39 14.48
C VAL A 238 7.10 3.44 15.43
N ARG A 239 7.89 4.47 15.71
CA ARG A 239 7.46 5.53 16.61
CA ARG A 239 7.44 5.51 16.61
C ARG A 239 6.30 6.33 16.01
N LEU A 240 6.38 6.66 14.72
CA LEU A 240 5.29 7.39 14.08
C LEU A 240 4.02 6.56 14.06
N LEU A 241 4.18 5.23 14.01
CA LEU A 241 3.04 4.32 14.02
C LEU A 241 2.28 4.34 15.34
N HIS A 242 2.88 4.89 16.39
CA HIS A 242 2.22 5.04 17.69
C HIS A 242 1.78 6.47 17.95
N HIS A 243 1.90 7.35 16.96
CA HIS A 243 1.43 8.71 17.10
C HIS A 243 -0.09 8.76 16.94
N ASN A 244 -0.71 9.80 17.47
CA ASN A 244 -2.16 9.87 17.53
C ASN A 244 -2.79 10.68 16.40
N ASP A 245 -2.00 11.20 15.46
CA ASP A 245 -2.61 11.93 14.34
C ASP A 245 -3.05 10.94 13.27
N PRO A 246 -4.29 11.01 12.79
CA PRO A 246 -4.74 10.02 11.79
C PRO A 246 -3.94 10.04 10.50
N GLU A 247 -3.46 11.21 10.07
CA GLU A 247 -2.71 11.26 8.81
C GLU A 247 -1.30 10.71 8.97
N VAL A 248 -0.65 11.01 10.10
CA VAL A 248 0.64 10.40 10.39
C VAL A 248 0.49 8.88 10.46
N LEU A 249 -0.56 8.41 11.13
CA LEU A 249 -0.80 6.97 11.21
C LEU A 249 -1.04 6.37 9.84
N ALA A 250 -1.84 7.03 9.00
CA ALA A 250 -2.08 6.52 7.66
C ALA A 250 -0.77 6.39 6.89
N ASP A 251 0.01 7.46 6.87
CA ASP A 251 1.24 7.46 6.08
C ASP A 251 2.29 6.52 6.67
N SER A 252 2.35 6.44 8.01
CA SER A 252 3.21 5.44 8.64
C SER A 252 2.81 4.03 8.24
N CYS A 253 1.51 3.74 8.25
CA CYS A 253 1.02 2.44 7.80
C CYS A 253 1.36 2.21 6.33
N TRP A 254 1.23 3.24 5.50
CA TRP A 254 1.62 3.11 4.10
C TRP A 254 3.09 2.73 3.98
N ALA A 255 3.94 3.42 4.74
CA ALA A 255 5.37 3.11 4.70
C ALA A 255 5.63 1.67 5.09
N ILE A 256 4.98 1.19 6.16
CA ILE A 256 5.15 -0.20 6.57
C ILE A 256 4.62 -1.14 5.49
N SER A 257 3.47 -0.79 4.90
CA SER A 257 2.95 -1.60 3.81
C SER A 257 3.94 -1.70 2.66
N TYR A 258 4.66 -0.61 2.35
CA TYR A 258 5.67 -0.67 1.30
C TYR A 258 6.80 -1.62 1.71
N LEU A 259 7.28 -1.49 2.94
CA LEU A 259 8.44 -2.24 3.40
C LEU A 259 8.14 -3.74 3.52
N THR A 260 6.89 -4.09 3.79
CA THR A 260 6.50 -5.49 3.89
C THR A 260 6.09 -6.06 2.54
N ASP A 261 6.06 -5.23 1.50
CA ASP A 261 5.71 -5.66 0.15
C ASP A 261 6.99 -6.15 -0.54
N GLY A 262 7.42 -7.35 -0.17
CA GLY A 262 8.63 -7.91 -0.71
C GLY A 262 8.95 -9.29 -0.16
N PRO A 263 10.18 -9.73 -0.35
CA PRO A 263 10.58 -11.05 0.15
C PRO A 263 10.51 -11.11 1.67
N ASN A 264 10.53 -12.34 2.19
CA ASN A 264 10.30 -12.55 3.62
C ASN A 264 11.39 -11.90 4.46
N GLU A 265 12.58 -11.74 3.89
CA GLU A 265 13.64 -11.04 4.62
C GLU A 265 13.26 -9.57 4.84
N ARG A 266 12.56 -8.97 3.89
CA ARG A 266 12.05 -7.62 4.06
C ARG A 266 10.96 -7.59 5.13
N ILE A 267 9.98 -8.49 5.02
CA ILE A 267 8.96 -8.62 6.06
C ILE A 267 9.61 -8.78 7.42
N GLU A 268 10.64 -9.62 7.51
CA GLU A 268 11.24 -9.92 8.79
C GLU A 268 11.82 -8.67 9.44
N MET A 269 12.48 -7.81 8.66
CA MET A 269 12.97 -6.54 9.18
C MET A 269 11.87 -5.79 9.91
N VAL A 270 10.67 -5.78 9.33
CA VAL A 270 9.55 -5.05 9.92
C VAL A 270 9.03 -5.78 11.14
N VAL A 271 8.73 -7.08 10.98
CA VAL A 271 8.14 -7.85 12.06
C VAL A 271 9.06 -7.88 13.28
N LYS A 272 10.37 -8.02 13.05
CA LYS A 272 11.33 -7.97 14.16
C LYS A 272 11.19 -6.73 14.99
N LYS A 273 10.68 -5.64 14.40
CA LYS A 273 10.55 -4.38 15.12
C LYS A 273 9.31 -4.33 16.01
N GLY A 274 8.52 -5.40 16.05
CA GLY A 274 7.41 -5.49 16.98
C GLY A 274 6.18 -4.71 16.59
N VAL A 275 6.04 -4.35 15.32
CA VAL A 275 4.94 -3.47 14.90
C VAL A 275 3.62 -4.20 14.69
N VAL A 276 3.62 -5.52 14.58
CA VAL A 276 2.39 -6.23 14.20
C VAL A 276 1.25 -5.94 15.17
N PRO A 277 1.44 -6.01 16.49
CA PRO A 277 0.32 -5.66 17.39
C PRO A 277 -0.23 -4.28 17.13
N GLN A 278 0.63 -3.30 16.85
CA GLN A 278 0.14 -1.95 16.57
C GLN A 278 -0.61 -1.92 15.24
N LEU A 279 -0.11 -2.63 14.23
CA LEU A 279 -0.85 -2.71 12.97
C LEU A 279 -2.22 -3.33 13.18
N VAL A 280 -2.31 -4.34 14.03
CA VAL A 280 -3.60 -4.96 14.30
C VAL A 280 -4.52 -3.96 14.99
N LYS A 281 -3.99 -3.22 15.97
CA LYS A 281 -4.77 -2.17 16.59
C LYS A 281 -5.28 -1.17 15.56
N LEU A 282 -4.40 -0.74 14.66
CA LEU A 282 -4.81 0.22 13.64
C LEU A 282 -5.78 -0.41 12.67
N LEU A 283 -5.68 -1.73 12.48
CA LEU A 283 -6.68 -2.45 11.71
C LEU A 283 -8.09 -2.19 12.20
N GLY A 284 -8.25 -1.95 13.50
CA GLY A 284 -9.54 -1.67 14.08
C GLY A 284 -9.92 -0.21 14.12
N ALA A 285 -9.12 0.67 13.54
CA ALA A 285 -9.44 2.09 13.53
C ALA A 285 -10.75 2.33 12.78
N THR A 286 -11.36 3.48 13.05
CA THR A 286 -12.56 3.89 12.35
C THR A 286 -12.23 4.65 11.07
N GLU A 287 -11.06 5.28 11.01
CA GLU A 287 -10.65 6.03 9.83
C GLU A 287 -10.23 5.06 8.74
N LEU A 288 -11.01 5.00 7.67
CA LEU A 288 -10.66 4.19 6.50
C LEU A 288 -9.26 4.48 5.99
N PRO A 289 -8.78 5.74 5.96
CA PRO A 289 -7.41 5.98 5.48
C PRO A 289 -6.35 5.32 6.35
N ILE A 290 -6.68 4.90 7.56
CA ILE A 290 -5.76 4.12 8.39
C ILE A 290 -5.94 2.65 8.15
N VAL A 291 -7.19 2.18 8.18
CA VAL A 291 -7.46 0.75 8.03
C VAL A 291 -6.88 0.25 6.72
N THR A 292 -6.97 1.06 5.66
CA THR A 292 -6.52 0.61 4.35
C THR A 292 -5.05 0.23 4.35
N PRO A 293 -4.12 1.11 4.71
CA PRO A 293 -2.71 0.70 4.73
C PRO A 293 -2.38 -0.30 5.83
N ALA A 294 -3.03 -0.21 7.00
CA ALA A 294 -2.77 -1.20 8.03
C ALA A 294 -3.12 -2.59 7.54
N LEU A 295 -4.24 -2.70 6.83
CA LEU A 295 -4.65 -3.99 6.27
C LEU A 295 -3.70 -4.44 5.16
N ARG A 296 -3.27 -3.50 4.31
CA ARG A 296 -2.27 -3.85 3.31
C ARG A 296 -1.01 -4.39 3.95
N ALA A 297 -0.56 -3.74 5.02
CA ALA A 297 0.64 -4.20 5.71
C ALA A 297 0.44 -5.60 6.28
N ILE A 298 -0.66 -5.81 7.00
CA ILE A 298 -0.93 -7.13 7.56
C ILE A 298 -1.03 -8.16 6.44
N GLY A 299 -1.72 -7.82 5.35
CA GLY A 299 -1.80 -8.73 4.23
C GLY A 299 -0.43 -9.07 3.67
N ASN A 300 0.45 -8.07 3.54
CA ASN A 300 1.81 -8.33 3.09
C ASN A 300 2.54 -9.26 4.04
N ILE A 301 2.39 -9.04 5.34
CA ILE A 301 3.15 -9.81 6.32
C ILE A 301 2.77 -11.28 6.25
N VAL A 302 1.48 -11.57 6.04
CA VAL A 302 1.05 -12.97 6.00
C VAL A 302 1.34 -13.62 4.65
N THR A 303 1.96 -12.90 3.72
CA THR A 303 2.57 -13.57 2.56
C THR A 303 3.91 -14.18 2.92
N GLY A 304 4.40 -13.96 4.13
CA GLY A 304 5.70 -14.43 4.53
C GLY A 304 5.67 -15.84 5.09
N THR A 305 6.51 -16.10 6.08
CA THR A 305 6.63 -17.43 6.65
C THR A 305 5.44 -17.74 7.54
N ASP A 306 5.27 -19.03 7.86
CA ASP A 306 4.25 -19.41 8.82
C ASP A 306 4.49 -18.73 10.16
N GLU A 307 5.77 -18.55 10.52
CA GLU A 307 6.10 -17.89 11.78
C GLU A 307 5.75 -16.41 11.73
N GLN A 308 5.96 -15.76 10.58
CA GLN A 308 5.56 -14.37 10.43
C GLN A 308 4.04 -14.24 10.46
N THR A 309 3.35 -15.11 9.71
CA THR A 309 1.90 -15.15 9.75
C THR A 309 1.41 -15.36 11.18
N GLN A 310 2.09 -16.23 11.94
CA GLN A 310 1.64 -16.51 13.30
C GLN A 310 1.73 -15.28 14.20
N LYS A 311 2.69 -14.40 13.95
CA LYS A 311 2.75 -13.17 14.71
C LYS A 311 1.49 -12.33 14.51
N VAL A 312 0.96 -12.33 13.28
CA VAL A 312 -0.28 -11.60 13.01
C VAL A 312 -1.43 -12.21 13.80
N ILE A 313 -1.52 -13.55 13.80
CA ILE A 313 -2.60 -14.22 14.53
C ILE A 313 -2.46 -13.99 16.02
N ASP A 314 -1.25 -14.21 16.55
CA ASP A 314 -1.03 -14.00 17.98
C ASP A 314 -1.40 -12.59 18.41
N ALA A 315 -1.20 -11.62 17.51
CA ALA A 315 -1.53 -10.23 17.83
C ALA A 315 -3.03 -9.96 17.84
N GLY A 316 -3.86 -10.95 17.51
CA GLY A 316 -5.29 -10.80 17.56
C GLY A 316 -5.94 -10.35 16.28
N ALA A 317 -5.24 -10.44 15.14
CA ALA A 317 -5.77 -9.90 13.90
C ALA A 317 -7.10 -10.55 13.53
N LEU A 318 -7.25 -11.85 13.81
CA LEU A 318 -8.42 -12.56 13.32
C LEU A 318 -9.72 -12.02 13.91
N ALA A 319 -9.66 -11.45 15.11
CA ALA A 319 -10.86 -10.93 15.75
C ALA A 319 -11.42 -9.72 15.00
N VAL A 320 -10.63 -9.05 14.18
CA VAL A 320 -11.11 -7.92 13.40
C VAL A 320 -11.78 -8.35 12.10
N PHE A 321 -11.57 -9.58 11.67
CA PHE A 321 -11.97 -9.92 10.31
C PHE A 321 -13.46 -10.13 10.13
N PRO A 322 -14.25 -10.37 11.19
CA PRO A 322 -15.70 -10.29 10.98
C PRO A 322 -16.12 -8.96 10.40
N SER A 323 -15.62 -7.86 10.96
N SER A 323 -15.61 -7.85 10.94
CA SER A 323 -15.92 -6.54 10.41
CA SER A 323 -15.96 -6.55 10.40
C SER A 323 -15.28 -6.36 9.05
C SER A 323 -15.24 -6.24 9.09
N LEU A 324 -14.01 -6.71 8.90
CA LEU A 324 -13.31 -6.43 7.65
C LEU A 324 -13.93 -7.18 6.49
N LEU A 325 -14.31 -8.43 6.72
CA LEU A 325 -14.91 -9.25 5.68
C LEU A 325 -16.33 -8.84 5.36
N THR A 326 -16.93 -7.95 6.15
CA THR A 326 -18.23 -7.35 5.85
C THR A 326 -18.12 -5.86 5.65
N ASN A 327 -16.91 -5.34 5.47
CA ASN A 327 -16.71 -3.90 5.42
C ASN A 327 -17.42 -3.30 4.22
N PRO A 328 -18.11 -2.16 4.38
CA PRO A 328 -18.81 -1.56 3.24
C PRO A 328 -17.90 -0.96 2.19
N LYS A 329 -16.61 -0.77 2.47
CA LYS A 329 -15.66 -0.33 1.45
C LYS A 329 -15.12 -1.56 0.73
N THR A 330 -15.39 -1.62 -0.56
CA THR A 330 -15.10 -2.82 -1.35
C THR A 330 -13.63 -3.23 -1.24
N ASN A 331 -12.71 -2.26 -1.35
CA ASN A 331 -11.29 -2.61 -1.33
C ASN A 331 -10.86 -3.18 0.01
N ILE A 332 -11.51 -2.76 1.10
CA ILE A 332 -11.21 -3.36 2.41
C ILE A 332 -11.59 -4.84 2.41
N GLN A 333 -12.82 -5.15 2.00
CA GLN A 333 -13.26 -6.55 1.92
C GLN A 333 -12.29 -7.35 1.05
N LYS A 334 -11.95 -6.82 -0.12
CA LYS A 334 -11.06 -7.55 -1.02
C LYS A 334 -9.72 -7.81 -0.36
N GLU A 335 -9.13 -6.79 0.25
CA GLU A 335 -7.82 -6.97 0.85
C GLU A 335 -7.90 -7.85 2.10
N ALA A 336 -8.98 -7.75 2.86
CA ALA A 336 -9.16 -8.64 4.01
C ALA A 336 -9.25 -10.09 3.55
N THR A 337 -9.97 -10.33 2.46
CA THR A 337 -10.13 -11.70 1.99
C THR A 337 -8.82 -12.23 1.41
N TRP A 338 -8.10 -11.39 0.66
CA TRP A 338 -6.76 -11.75 0.21
C TRP A 338 -5.89 -12.13 1.40
N THR A 339 -5.92 -11.30 2.45
CA THR A 339 -5.19 -11.62 3.67
C THR A 339 -5.60 -12.99 4.21
N MET A 340 -6.90 -13.23 4.32
CA MET A 340 -7.40 -14.51 4.78
C MET A 340 -6.86 -15.65 3.93
N SER A 341 -6.76 -15.44 2.62
CA SER A 341 -6.31 -16.52 1.75
C SER A 341 -4.88 -16.94 2.08
N ASN A 342 -4.04 -15.99 2.46
CA ASN A 342 -2.68 -16.32 2.82
C ASN A 342 -2.58 -16.90 4.22
N ILE A 343 -3.54 -16.59 5.10
CA ILE A 343 -3.56 -17.26 6.39
C ILE A 343 -4.03 -18.69 6.23
N THR A 344 -5.01 -18.94 5.36
CA THR A 344 -5.44 -20.31 5.17
C THR A 344 -4.45 -21.11 4.33
N ALA A 345 -3.45 -20.45 3.74
CA ALA A 345 -2.35 -21.15 3.10
C ALA A 345 -1.28 -21.58 4.08
N GLY A 346 -1.47 -21.33 5.37
CA GLY A 346 -0.50 -21.67 6.39
C GLY A 346 -0.72 -23.04 7.01
N ARG A 347 -0.28 -23.17 8.25
CA ARG A 347 -0.31 -24.44 8.95
C ARG A 347 -1.73 -24.79 9.38
N GLN A 348 -1.93 -26.07 9.68
CA GLN A 348 -3.24 -26.54 10.11
C GLN A 348 -3.67 -25.89 11.42
N ASP A 349 -2.73 -25.64 12.32
CA ASP A 349 -3.09 -24.95 13.55
C ASP A 349 -3.44 -23.49 13.29
N GLN A 350 -2.98 -22.92 12.18
CA GLN A 350 -3.38 -21.57 11.82
C GLN A 350 -4.76 -21.56 11.18
N ILE A 351 -5.01 -22.51 10.26
CA ILE A 351 -6.37 -22.77 9.80
C ILE A 351 -7.30 -22.95 10.97
N GLN A 352 -6.86 -23.68 12.01
CA GLN A 352 -7.74 -23.94 13.14
C GLN A 352 -8.12 -22.66 13.86
N GLN A 353 -7.23 -21.66 13.85
CA GLN A 353 -7.54 -20.40 14.52
C GLN A 353 -8.50 -19.58 13.69
N VAL A 354 -8.41 -19.65 12.37
CA VAL A 354 -9.46 -19.11 11.51
C VAL A 354 -10.79 -19.73 11.89
N VAL A 355 -10.80 -21.05 12.11
CA VAL A 355 -12.02 -21.74 12.51
C VAL A 355 -12.50 -21.23 13.86
N ASN A 356 -11.63 -21.25 14.88
CA ASN A 356 -12.05 -20.89 16.22
C ASN A 356 -12.60 -19.48 16.27
N HIS A 357 -12.07 -18.60 15.44
CA HIS A 357 -12.51 -17.21 15.41
C HIS A 357 -13.81 -17.03 14.64
N GLY A 358 -14.39 -18.11 14.13
CA GLY A 358 -15.67 -18.01 13.46
C GLY A 358 -15.60 -17.36 12.11
N LEU A 359 -14.44 -17.40 11.46
CA LEU A 359 -14.24 -16.69 10.21
C LEU A 359 -14.65 -17.50 8.99
N VAL A 360 -14.89 -18.80 9.13
CA VAL A 360 -15.25 -19.59 7.97
C VAL A 360 -16.63 -19.15 7.49
N PRO A 361 -17.61 -18.93 8.38
CA PRO A 361 -18.89 -18.38 7.89
C PRO A 361 -18.74 -17.05 7.19
N PHE A 362 -17.79 -16.21 7.62
CA PHE A 362 -17.55 -14.95 6.91
C PHE A 362 -16.95 -15.19 5.54
N LEU A 363 -16.08 -16.19 5.42
CA LEU A 363 -15.59 -16.55 4.09
C LEU A 363 -16.70 -17.10 3.24
N VAL A 364 -17.59 -17.90 3.82
CA VAL A 364 -18.78 -18.32 3.09
C VAL A 364 -19.59 -17.09 2.67
N GLY A 365 -19.68 -16.10 3.56
CA GLY A 365 -20.42 -14.89 3.23
C GLY A 365 -19.84 -14.16 2.04
N VAL A 366 -18.54 -13.86 2.10
N VAL A 366 -18.53 -13.93 2.04
CA VAL A 366 -17.86 -13.20 0.99
CA VAL A 366 -17.93 -13.15 0.95
C VAL A 366 -18.06 -14.00 -0.29
C VAL A 366 -17.89 -13.97 -0.34
N LEU A 367 -17.75 -15.29 -0.25
CA LEU A 367 -17.93 -16.14 -1.42
C LEU A 367 -19.35 -16.04 -1.96
N SER A 368 -20.33 -15.89 -1.07
CA SER A 368 -21.73 -15.85 -1.48
C SER A 368 -22.09 -14.52 -2.14
N LYS A 369 -21.58 -13.43 -1.58
CA LYS A 369 -21.96 -12.10 -2.07
C LYS A 369 -20.83 -11.14 -1.76
N ALA A 370 -20.23 -10.58 -2.80
CA ALA A 370 -19.17 -9.61 -2.67
C ALA A 370 -18.84 -9.14 -4.09
N ASP A 371 -18.06 -8.06 -4.17
CA ASP A 371 -17.45 -7.71 -5.44
C ASP A 371 -16.73 -8.94 -5.99
N PHE A 372 -16.78 -9.10 -7.32
CA PHE A 372 -16.23 -10.33 -7.90
C PHE A 372 -14.75 -10.49 -7.54
N LYS A 373 -13.98 -9.40 -7.54
CA LYS A 373 -12.57 -9.51 -7.19
C LYS A 373 -12.41 -10.05 -5.78
N THR A 374 -13.29 -9.64 -4.88
CA THR A 374 -13.25 -10.15 -3.51
C THR A 374 -13.61 -11.64 -3.47
N GLN A 375 -14.64 -12.04 -4.23
CA GLN A 375 -15.00 -13.45 -4.30
C GLN A 375 -13.84 -14.29 -4.79
N LYS A 376 -13.07 -13.76 -5.73
CA LYS A 376 -11.91 -14.49 -6.24
C LYS A 376 -10.89 -14.71 -5.13
N GLU A 377 -10.62 -13.67 -4.33
CA GLU A 377 -9.78 -13.85 -3.16
C GLU A 377 -10.37 -14.87 -2.20
N ALA A 378 -11.70 -14.86 -2.04
CA ALA A 378 -12.33 -15.84 -1.17
C ALA A 378 -12.14 -17.24 -1.71
N ALA A 379 -12.29 -17.42 -3.02
CA ALA A 379 -12.05 -18.73 -3.63
C ALA A 379 -10.64 -19.22 -3.31
N TRP A 380 -9.64 -18.35 -3.49
CA TRP A 380 -8.29 -18.70 -3.10
C TRP A 380 -8.21 -19.09 -1.64
N ALA A 381 -8.88 -18.35 -0.77
CA ALA A 381 -8.86 -18.69 0.65
C ALA A 381 -9.39 -20.09 0.86
N ILE A 382 -10.41 -20.48 0.10
CA ILE A 382 -10.99 -21.80 0.27
C ILE A 382 -10.06 -22.89 -0.26
N THR A 383 -9.49 -22.67 -1.45
CA THR A 383 -8.59 -23.68 -2.01
C THR A 383 -7.36 -23.86 -1.13
N ASN A 384 -6.80 -22.76 -0.62
CA ASN A 384 -5.70 -22.87 0.33
C ASN A 384 -6.14 -23.61 1.59
N TYR A 385 -7.29 -23.24 2.12
CA TYR A 385 -7.83 -23.91 3.30
C TYR A 385 -7.94 -25.41 3.07
N THR A 386 -8.48 -25.81 1.92
CA THR A 386 -8.74 -27.22 1.67
C THR A 386 -7.46 -27.96 1.30
N SER A 387 -6.47 -27.27 0.72
CA SER A 387 -5.17 -27.90 0.47
C SER A 387 -4.45 -28.25 1.76
N GLY A 388 -4.48 -27.35 2.74
CA GLY A 388 -3.68 -27.52 3.94
C GLY A 388 -4.43 -28.05 5.13
N GLY A 389 -5.76 -28.05 5.06
CA GLY A 389 -6.56 -28.36 6.24
C GLY A 389 -6.68 -29.85 6.51
N THR A 390 -6.79 -30.19 7.78
CA THR A 390 -7.17 -31.54 8.18
C THR A 390 -8.52 -31.90 7.58
N VAL A 391 -8.82 -33.19 7.64
CA VAL A 391 -10.13 -33.68 7.20
C VAL A 391 -11.23 -32.99 8.01
N GLU A 392 -11.06 -32.94 9.33
CA GLU A 392 -12.08 -32.35 10.20
C GLU A 392 -12.32 -30.88 9.84
N GLN A 393 -11.25 -30.15 9.52
CA GLN A 393 -11.41 -28.75 9.14
C GLN A 393 -12.15 -28.62 7.83
N ILE A 394 -11.89 -29.52 6.87
CA ILE A 394 -12.58 -29.47 5.60
C ILE A 394 -14.05 -29.85 5.78
N VAL A 395 -14.32 -30.81 6.67
CA VAL A 395 -15.70 -31.18 6.98
C VAL A 395 -16.43 -29.97 7.54
N TYR A 396 -15.85 -29.33 8.54
CA TYR A 396 -16.43 -28.13 9.12
C TYR A 396 -16.74 -27.09 8.04
N LEU A 397 -15.82 -26.90 7.10
CA LEU A 397 -16.04 -25.95 6.03
C LEU A 397 -17.30 -26.27 5.24
N VAL A 398 -17.51 -27.55 4.92
CA VAL A 398 -18.74 -27.95 4.23
C VAL A 398 -19.95 -27.68 5.12
N HIS A 399 -19.83 -27.99 6.41
CA HIS A 399 -20.93 -27.75 7.34
C HIS A 399 -21.29 -26.27 7.44
N CYS A 400 -20.37 -25.37 7.08
CA CYS A 400 -20.67 -23.95 7.11
C CYS A 400 -21.38 -23.46 5.84
N GLY A 401 -21.55 -24.33 4.85
CA GLY A 401 -22.23 -23.98 3.63
C GLY A 401 -21.33 -23.54 2.50
N ILE A 402 -20.10 -24.04 2.42
CA ILE A 402 -19.19 -23.54 1.40
C ILE A 402 -19.61 -24.04 0.02
N ILE A 403 -20.26 -25.20 -0.06
CA ILE A 403 -20.45 -25.85 -1.35
C ILE A 403 -21.29 -24.97 -2.26
N GLU A 404 -22.46 -24.54 -1.79
CA GLU A 404 -23.37 -23.81 -2.67
C GLU A 404 -22.72 -22.56 -3.26
N PRO A 405 -22.16 -21.65 -2.47
CA PRO A 405 -21.54 -20.46 -3.09
C PRO A 405 -20.32 -20.78 -3.93
N LEU A 406 -19.55 -21.83 -3.59
CA LEU A 406 -18.49 -22.26 -4.49
C LEU A 406 -19.06 -22.63 -5.86
N MET A 407 -20.08 -23.48 -5.87
CA MET A 407 -20.72 -23.87 -7.12
C MET A 407 -21.20 -22.67 -7.90
N ASN A 408 -21.89 -21.75 -7.24
CA ASN A 408 -22.44 -20.59 -7.95
C ASN A 408 -21.35 -19.79 -8.65
N LEU A 409 -20.12 -19.83 -8.13
CA LEU A 409 -19.04 -19.08 -8.76
C LEU A 409 -18.47 -19.77 -9.99
N LEU A 410 -18.76 -21.06 -10.17
CA LEU A 410 -18.28 -21.77 -11.35
C LEU A 410 -18.87 -21.25 -12.64
N SER A 411 -19.91 -20.40 -12.57
CA SER A 411 -20.43 -19.74 -13.74
C SER A 411 -19.75 -18.40 -14.00
N ALA A 412 -18.63 -18.13 -13.33
CA ALA A 412 -17.88 -16.91 -13.57
C ALA A 412 -17.19 -16.99 -14.92
N LYS A 413 -17.21 -15.86 -15.65
CA LYS A 413 -16.42 -15.73 -16.87
C LYS A 413 -15.01 -15.27 -16.48
N ASP A 414 -14.29 -16.20 -15.84
CA ASP A 414 -12.95 -15.91 -15.34
C ASP A 414 -12.26 -17.25 -15.12
N THR A 415 -11.23 -17.52 -15.93
CA THR A 415 -10.66 -18.87 -15.97
C THR A 415 -9.92 -19.19 -14.67
N LYS A 416 -9.23 -18.22 -14.07
CA LYS A 416 -8.44 -18.52 -12.90
C LYS A 416 -9.32 -18.94 -11.72
N ILE A 417 -10.44 -18.24 -11.49
CA ILE A 417 -11.29 -18.60 -10.36
C ILE A 417 -11.88 -19.99 -10.56
N ILE A 418 -12.21 -20.34 -11.81
CA ILE A 418 -12.74 -21.68 -12.08
C ILE A 418 -11.70 -22.73 -11.68
N GLN A 419 -10.45 -22.54 -12.11
CA GLN A 419 -9.39 -23.47 -11.72
C GLN A 419 -9.29 -23.56 -10.20
N VAL A 420 -9.31 -22.41 -9.54
CA VAL A 420 -9.18 -22.38 -8.09
C VAL A 420 -10.32 -23.13 -7.43
N ILE A 421 -11.55 -22.87 -7.88
CA ILE A 421 -12.71 -23.55 -7.30
C ILE A 421 -12.59 -25.05 -7.51
N LEU A 422 -12.18 -25.48 -8.70
CA LEU A 422 -12.08 -26.91 -8.98
C LEU A 422 -11.03 -27.58 -8.10
N ASP A 423 -9.89 -26.94 -7.90
CA ASP A 423 -8.92 -27.45 -6.93
C ASP A 423 -9.58 -27.69 -5.58
N ALA A 424 -10.40 -26.74 -5.14
CA ALA A 424 -11.01 -26.85 -3.81
C ALA A 424 -12.01 -27.99 -3.77
N ILE A 425 -12.87 -28.07 -4.79
CA ILE A 425 -13.82 -29.19 -4.88
C ILE A 425 -13.07 -30.50 -4.83
N SER A 426 -11.97 -30.60 -5.57
CA SER A 426 -11.15 -31.81 -5.54
C SER A 426 -10.62 -32.07 -4.13
N ASN A 427 -10.05 -31.04 -3.50
CA ASN A 427 -9.51 -31.21 -2.15
C ASN A 427 -10.61 -31.62 -1.16
N ILE A 428 -11.82 -31.11 -1.33
CA ILE A 428 -12.89 -31.48 -0.43
C ILE A 428 -13.27 -32.94 -0.65
N PHE A 429 -13.32 -33.37 -1.91
CA PHE A 429 -13.60 -34.77 -2.20
C PHE A 429 -12.54 -35.67 -1.59
N GLN A 430 -11.26 -35.31 -1.76
CA GLN A 430 -10.19 -36.10 -1.18
C GLN A 430 -10.42 -36.34 0.31
N ALA A 431 -10.85 -35.30 1.04
CA ALA A 431 -11.16 -35.49 2.45
C ALA A 431 -12.39 -36.36 2.63
N ALA A 432 -13.34 -36.30 1.69
CA ALA A 432 -14.54 -37.12 1.81
C ALA A 432 -14.22 -38.60 1.69
N GLU A 433 -13.37 -38.97 0.75
CA GLU A 433 -13.02 -40.39 0.61
C GLU A 433 -12.16 -40.90 1.75
N LYS A 434 -11.45 -40.02 2.46
CA LYS A 434 -10.86 -40.43 3.74
C LYS A 434 -11.91 -40.74 4.79
N LEU A 435 -13.16 -40.33 4.58
CA LEU A 435 -14.26 -40.66 5.48
C LEU A 435 -15.31 -41.54 4.83
N GLY A 436 -15.11 -41.99 3.60
CA GLY A 436 -16.15 -42.73 2.90
C GLY A 436 -17.42 -41.92 2.73
N GLU A 437 -17.29 -40.65 2.34
CA GLU A 437 -18.41 -39.72 2.30
C GLU A 437 -18.58 -39.02 0.96
N THR A 438 -17.87 -39.47 -0.09
CA THR A 438 -17.98 -38.81 -1.37
C THR A 438 -19.41 -38.80 -1.88
N GLU A 439 -20.20 -39.82 -1.53
CA GLU A 439 -21.58 -39.87 -1.98
C GLU A 439 -22.38 -38.72 -1.40
N LYS A 440 -22.35 -38.56 -0.07
CA LYS A 440 -23.03 -37.43 0.54
C LYS A 440 -22.59 -36.11 -0.08
N LEU A 441 -21.28 -35.99 -0.33
CA LEU A 441 -20.77 -34.76 -0.93
C LEU A 441 -21.26 -34.58 -2.36
N SER A 442 -21.28 -35.66 -3.15
CA SER A 442 -21.73 -35.55 -4.54
C SER A 442 -23.19 -35.12 -4.60
N ILE A 443 -24.02 -35.65 -3.71
CA ILE A 443 -25.41 -35.22 -3.62
C ILE A 443 -25.49 -33.73 -3.39
N MET A 444 -24.78 -33.25 -2.36
CA MET A 444 -24.75 -31.82 -2.08
C MET A 444 -24.45 -31.02 -3.34
N ILE A 445 -23.38 -31.38 -4.05
CA ILE A 445 -23.00 -30.64 -5.25
C ILE A 445 -24.11 -30.72 -6.29
N GLU A 446 -24.78 -31.87 -6.37
CA GLU A 446 -25.90 -32.01 -7.29
C GLU A 446 -27.12 -31.21 -6.79
N GLU A 447 -27.33 -31.20 -5.48
CA GLU A 447 -28.53 -30.56 -4.92
C GLU A 447 -28.54 -29.05 -5.13
N CYS A 448 -27.40 -28.43 -5.40
CA CYS A 448 -27.33 -26.97 -5.54
C CYS A 448 -26.87 -26.55 -6.94
N GLY A 449 -27.05 -27.41 -7.93
CA GLY A 449 -26.72 -27.06 -9.30
C GLY A 449 -25.24 -27.13 -9.64
N GLY A 450 -24.40 -27.55 -8.70
CA GLY A 450 -22.97 -27.58 -8.96
C GLY A 450 -22.59 -28.63 -10.00
N LEU A 451 -23.30 -29.76 -9.99
CA LEU A 451 -22.99 -30.82 -10.95
C LEU A 451 -23.22 -30.34 -12.37
N ASP A 452 -24.29 -29.57 -12.59
CA ASP A 452 -24.53 -28.99 -13.91
C ASP A 452 -23.36 -28.11 -14.33
N LYS A 453 -22.88 -27.26 -13.42
CA LYS A 453 -21.81 -26.34 -13.77
C LYS A 453 -20.49 -27.07 -14.00
N ILE A 454 -20.24 -28.16 -13.27
CA ILE A 454 -19.03 -28.93 -13.52
C ILE A 454 -19.13 -29.69 -14.83
N GLU A 455 -20.35 -30.06 -15.24
CA GLU A 455 -20.54 -30.72 -16.52
C GLU A 455 -20.12 -29.81 -17.67
N ALA A 456 -20.72 -28.62 -17.76
CA ALA A 456 -20.40 -27.70 -18.84
C ALA A 456 -18.90 -27.40 -18.90
N LEU A 457 -18.20 -27.48 -17.78
CA LEU A 457 -16.78 -27.14 -17.75
C LEU A 457 -15.93 -28.16 -18.47
N GLN A 458 -16.38 -29.42 -18.55
CA GLN A 458 -15.65 -30.40 -19.34
C GLN A 458 -15.39 -29.88 -20.75
N ARG A 459 -16.38 -29.24 -21.36
CA ARG A 459 -16.23 -28.59 -22.65
C ARG A 459 -15.97 -27.10 -22.41
N HIS A 460 -14.72 -26.77 -22.11
CA HIS A 460 -14.33 -25.41 -21.80
C HIS A 460 -12.99 -25.09 -22.46
N GLU A 461 -12.87 -23.85 -22.97
CA GLU A 461 -11.68 -23.44 -23.70
C GLU A 461 -10.49 -23.24 -22.78
N ASN A 462 -10.03 -24.32 -22.13
CA ASN A 462 -8.80 -24.29 -21.35
C ASN A 462 -8.42 -25.70 -20.91
N GLU A 463 -7.13 -26.04 -21.04
CA GLU A 463 -6.67 -27.38 -20.74
C GLU A 463 -6.98 -27.77 -19.30
N SER A 464 -6.39 -27.05 -18.35
CA SER A 464 -6.56 -27.42 -16.94
C SER A 464 -8.02 -27.44 -16.52
N VAL A 465 -8.83 -26.54 -17.07
CA VAL A 465 -10.25 -26.49 -16.70
C VAL A 465 -10.95 -27.77 -17.14
N TYR A 466 -11.02 -28.00 -18.45
CA TYR A 466 -11.66 -29.22 -18.96
C TYR A 466 -11.07 -30.46 -18.30
N LYS A 467 -9.75 -30.45 -18.07
CA LYS A 467 -9.10 -31.60 -17.45
C LYS A 467 -9.67 -31.88 -16.07
N ALA A 468 -9.52 -30.92 -15.14
CA ALA A 468 -9.94 -31.15 -13.77
C ALA A 468 -11.43 -31.41 -13.66
N SER A 469 -12.23 -30.72 -14.47
CA SER A 469 -13.68 -30.95 -14.46
C SER A 469 -14.01 -32.38 -14.87
N LEU A 470 -13.61 -32.75 -16.09
CA LEU A 470 -13.84 -34.11 -16.56
C LEU A 470 -13.43 -35.14 -15.52
N ASN A 471 -12.27 -34.94 -14.88
CA ASN A 471 -11.83 -35.86 -13.83
C ASN A 471 -12.87 -35.95 -12.72
N LEU A 472 -13.37 -34.82 -12.26
CA LEU A 472 -14.36 -34.83 -11.18
C LEU A 472 -15.62 -35.59 -11.59
N ILE A 473 -16.09 -35.37 -12.82
CA ILE A 473 -17.37 -35.94 -13.24
C ILE A 473 -17.31 -37.47 -13.24
N GLU A 474 -16.13 -38.05 -13.46
CA GLU A 474 -16.01 -39.50 -13.48
C GLU A 474 -15.51 -40.07 -12.17
N LYS A 475 -14.56 -39.41 -11.50
CA LYS A 475 -14.10 -39.91 -10.21
C LYS A 475 -15.20 -39.90 -9.17
N TYR A 476 -16.22 -39.04 -9.33
CA TYR A 476 -17.26 -38.90 -8.32
C TYR A 476 -18.67 -38.75 -8.86
N PHE A 477 -18.87 -38.71 -10.17
CA PHE A 477 -20.22 -38.60 -10.73
C PHE A 477 -20.41 -39.57 -11.90
N PRO B 8 1.34 -21.96 -0.46
CA PRO B 8 0.51 -21.49 -1.57
C PRO B 8 0.13 -20.01 -1.43
N LYS B 9 1.04 -19.23 -0.85
CA LYS B 9 0.77 -17.81 -0.62
C LYS B 9 1.00 -17.01 -1.90
N ARG B 10 0.23 -15.93 -2.05
CA ARG B 10 0.26 -15.09 -3.25
C ARG B 10 0.42 -13.64 -2.84
N GLN B 11 1.39 -12.95 -3.44
CA GLN B 11 1.65 -11.55 -3.15
C GLN B 11 1.19 -10.66 -4.29
N VAL B 21 -2.62 6.59 -1.60
CA VAL B 21 -1.56 7.55 -1.29
C VAL B 21 -0.96 8.14 -2.57
N LEU B 22 -1.09 9.46 -2.73
CA LEU B 22 -0.43 10.16 -3.81
C LEU B 22 1.07 10.17 -3.57
N ALA B 23 1.85 9.80 -4.59
CA ALA B 23 3.30 9.83 -4.44
C ALA B 23 3.83 11.26 -4.48
N LYS B 24 3.16 12.15 -5.22
CA LYS B 24 3.60 13.52 -5.38
C LYS B 24 2.45 14.45 -4.97
N ILE B 25 2.80 15.56 -4.34
CA ILE B 25 1.80 16.48 -3.82
C ILE B 25 2.26 17.91 -4.11
N PRO B 26 1.52 18.70 -4.88
CA PRO B 26 1.82 20.12 -4.97
C PRO B 26 1.33 20.84 -3.72
N ARG B 27 2.00 21.92 -3.39
CA ARG B 27 1.55 22.79 -2.32
C ARG B 27 0.68 23.87 -2.96
N ARG B 28 -0.61 23.83 -2.67
CA ARG B 28 -1.54 24.79 -3.23
C ARG B 28 -1.88 25.94 -2.28
N GLU B 29 -1.71 25.77 -0.98
CA GLU B 29 -2.09 26.80 0.01
C GLU B 29 -0.91 27.08 0.97
#